data_8JFS
#
_entry.id   8JFS
#
_cell.length_a   33.003
_cell.length_b   28.472
_cell.length_c   83.604
_cell.angle_alpha   90.000
_cell.angle_beta   90.430
_cell.angle_gamma   90.000
#
_symmetry.space_group_name_H-M   'P 1 21 1'
#
loop_
_entity.id
_entity.type
_entity.pdbx_description
1 polymer Acylphosphatase
2 non-polymer 'PHOSPHATE ION'
3 non-polymer 'CITRIC ACID'
4 non-polymer 'SODIUM ION'
5 non-polymer 1,2-ETHANEDIOL
6 water water
#
_entity_poly.entity_id   1
_entity_poly.type   'polypeptide(L)'
_entity_poly.pdbx_seq_one_letter_code
;MRLTALVSGHVQGVGYRLFVQRYARDLGLHGYAENLSDGKVEVIAEGDEDALNRLLHWLRRGPPHARVQAVDTQYSEETG
LREFHIY
;
_entity_poly.pdbx_strand_id   A,B
#
# COMPACT_ATOMS: atom_id res chain seq x y z
N MET A 1 5.30 -5.99 3.06
CA MET A 1 6.35 -6.15 4.05
C MET A 1 6.03 -5.27 5.25
N ARG A 2 6.87 -5.38 6.28
CA ARG A 2 6.80 -4.52 7.45
C ARG A 2 7.90 -3.48 7.37
N LEU A 3 7.52 -2.21 7.38
CA LEU A 3 8.41 -1.08 7.61
C LEU A 3 8.50 -0.82 9.10
N THR A 4 9.71 -0.74 9.64
CA THR A 4 9.94 -0.20 10.97
C THR A 4 10.75 1.07 10.76
N ALA A 5 10.14 2.20 11.09
CA ALA A 5 10.72 3.51 10.86
C ALA A 5 10.94 4.19 12.21
N LEU A 6 12.10 4.81 12.36
CA LEU A 6 12.44 5.60 13.54
C LEU A 6 12.56 7.07 13.10
N VAL A 7 11.72 7.92 13.68
CA VAL A 7 11.58 9.32 13.27
C VAL A 7 12.24 10.21 14.32
N SER A 8 13.17 11.04 13.86
N SER A 8 13.15 11.07 13.89
CA SER A 8 13.92 11.97 14.70
CA SER A 8 13.85 11.95 14.81
C SER A 8 13.52 13.41 14.42
C SER A 8 13.66 13.41 14.43
N GLY A 9 13.62 14.26 15.44
CA GLY A 9 13.42 15.69 15.30
C GLY A 9 12.48 16.18 16.37
N HIS A 10 11.85 17.32 16.11
CA HIS A 10 10.82 17.88 16.98
C HIS A 10 9.53 17.18 16.58
N VAL A 11 9.24 16.06 17.24
CA VAL A 11 8.17 15.17 16.78
C VAL A 11 7.22 14.76 17.88
N GLN A 12 7.56 14.88 19.16
CA GLN A 12 6.66 14.50 20.24
C GLN A 12 5.88 15.72 20.70
N GLY A 13 4.63 15.51 21.12
CA GLY A 13 3.80 16.60 21.63
C GLY A 13 3.16 17.44 20.55
N VAL A 14 3.21 17.01 19.29
CA VAL A 14 2.70 17.78 18.18
C VAL A 14 1.72 16.96 17.34
N GLY A 15 1.14 15.90 17.91
CA GLY A 15 0.12 15.15 17.18
C GLY A 15 0.66 14.25 16.08
N TYR A 16 1.95 13.88 16.17
CA TYR A 16 2.59 13.07 15.14
C TYR A 16 1.95 11.67 15.04
N ARG A 17 1.71 11.01 16.17
CA ARG A 17 1.14 9.66 16.11
C ARG A 17 -0.23 9.66 15.46
N LEU A 18 -1.10 10.62 15.84
CA LEU A 18 -2.44 10.69 15.24
C LEU A 18 -2.35 10.95 13.75
N PHE A 19 -1.41 11.80 13.35
CA PHE A 19 -1.12 12.08 11.94
C PHE A 19 -0.73 10.79 11.19
N VAL A 20 0.19 10.00 11.76
CA VAL A 20 0.60 8.75 11.12
C VAL A 20 -0.60 7.82 10.99
N GLN A 21 -1.37 7.70 12.06
CA GLN A 21 -2.52 6.79 12.04
C GLN A 21 -3.50 7.15 10.96
N ARG A 22 -3.78 8.45 10.78
CA ARG A 22 -4.72 8.89 9.74
C ARG A 22 -4.22 8.46 8.37
N TYR A 23 -2.95 8.71 8.08
CA TYR A 23 -2.44 8.39 6.74
C TYR A 23 -2.27 6.90 6.55
N ALA A 24 -1.88 6.16 7.60
CA ALA A 24 -1.80 4.71 7.45
C ALA A 24 -3.17 4.13 7.12
N ARG A 25 -4.21 4.61 7.78
CA ARG A 25 -5.55 4.12 7.47
C ARG A 25 -5.96 4.51 6.05
N ASP A 26 -5.58 5.73 5.61
CA ASP A 26 -5.87 6.17 4.23
C ASP A 26 -5.18 5.27 3.20
N LEU A 27 -4.05 4.68 3.55
CA LEU A 27 -3.19 3.94 2.65
C LEU A 27 -3.33 2.43 2.77
N GLY A 28 -4.25 1.95 3.60
CA GLY A 28 -4.49 0.53 3.73
C GLY A 28 -3.43 -0.23 4.50
N LEU A 29 -2.78 0.42 5.48
CA LEU A 29 -1.69 -0.16 6.22
C LEU A 29 -2.09 -0.45 7.65
N HIS A 30 -1.44 -1.42 8.26
CA HIS A 30 -1.71 -1.83 9.63
C HIS A 30 -0.43 -1.79 10.45
N GLY A 31 -0.55 -1.52 11.74
CA GLY A 31 0.61 -1.41 12.58
C GLY A 31 0.36 -0.46 13.74
N TYR A 32 1.35 0.36 14.05
CA TYR A 32 1.22 1.27 15.19
C TYR A 32 2.29 2.36 15.13
N ALA A 33 2.02 3.42 15.87
CA ALA A 33 2.99 4.49 16.12
C ALA A 33 3.12 4.69 17.62
N GLU A 34 4.35 4.80 18.11
CA GLU A 34 4.63 4.82 19.54
C GLU A 34 5.74 5.82 19.84
N ASN A 35 5.57 6.63 20.88
CA ASN A 35 6.63 7.51 21.33
C ASN A 35 7.69 6.71 22.08
N LEU A 36 8.96 7.00 21.80
CA LEU A 36 10.07 6.41 22.52
C LEU A 36 10.63 7.39 23.54
N SER A 37 11.20 6.85 24.60
CA SER A 37 11.71 7.69 25.69
C SER A 37 12.97 8.46 25.31
N ASP A 38 13.62 8.10 24.20
CA ASP A 38 14.76 8.85 23.70
C ASP A 38 14.37 10.01 22.79
N GLY A 39 13.08 10.33 22.69
CA GLY A 39 12.62 11.46 21.91
C GLY A 39 12.14 11.13 20.52
N LYS A 40 12.36 9.93 20.04
CA LYS A 40 11.96 9.54 18.70
C LYS A 40 10.53 9.01 18.69
N VAL A 41 10.01 8.84 17.48
CA VAL A 41 8.75 8.12 17.29
C VAL A 41 9.05 6.89 16.46
N GLU A 42 8.53 5.75 16.88
CA GLU A 42 8.64 4.50 16.11
C GLU A 42 7.33 4.24 15.40
N VAL A 43 7.43 3.90 14.11
CA VAL A 43 6.28 3.58 13.28
C VAL A 43 6.51 2.18 12.72
N ILE A 44 5.56 1.28 12.99
CA ILE A 44 5.51 -0.04 12.38
C ILE A 44 4.33 -0.02 11.43
N ALA A 45 4.59 -0.34 10.16
CA ALA A 45 3.52 -0.37 9.17
C ALA A 45 3.71 -1.59 8.28
N GLU A 46 2.62 -2.31 8.06
CA GLU A 46 2.60 -3.52 7.25
C GLU A 46 1.66 -3.35 6.07
N GLY A 47 2.15 -3.67 4.88
CA GLY A 47 1.31 -3.68 3.70
C GLY A 47 2.15 -3.52 2.45
N ASP A 48 1.47 -3.16 1.37
CA ASP A 48 2.11 -3.17 0.07
C ASP A 48 3.31 -2.21 0.02
N GLU A 49 4.32 -2.61 -0.74
CA GLU A 49 5.57 -1.85 -0.82
C GLU A 49 5.34 -0.40 -1.24
N ASP A 50 4.47 -0.17 -2.23
N ASP A 50 4.44 -0.18 -2.21
CA ASP A 50 4.27 1.21 -2.67
CA ASP A 50 4.23 1.18 -2.71
C ASP A 50 3.53 2.03 -1.62
C ASP A 50 3.45 2.03 -1.72
N ALA A 51 2.57 1.41 -0.93
CA ALA A 51 1.87 2.13 0.14
C ALA A 51 2.82 2.53 1.26
N LEU A 52 3.77 1.65 1.59
CA LEU A 52 4.80 2.01 2.55
C LEU A 52 5.60 3.22 2.10
N ASN A 53 5.94 3.30 0.81
CA ASN A 53 6.64 4.47 0.29
C ASN A 53 5.78 5.72 0.39
N ARG A 54 4.48 5.60 0.10
CA ARG A 54 3.59 6.75 0.27
C ARG A 54 3.52 7.18 1.73
N LEU A 55 3.51 6.22 2.65
CA LEU A 55 3.49 6.59 4.07
C LEU A 55 4.77 7.33 4.44
N LEU A 56 5.90 6.87 3.91
CA LEU A 56 7.18 7.51 4.18
C LEU A 56 7.19 8.98 3.78
N HIS A 57 6.53 9.32 2.66
CA HIS A 57 6.38 10.73 2.27
C HIS A 57 5.79 11.54 3.41
N TRP A 58 4.72 11.02 4.02
CA TRP A 58 4.10 11.72 5.14
C TRP A 58 4.98 11.69 6.38
N LEU A 59 5.67 10.57 6.65
CA LEU A 59 6.50 10.50 7.85
C LEU A 59 7.59 11.56 7.82
N ARG A 60 8.11 11.87 6.63
CA ARG A 60 9.15 12.87 6.52
C ARG A 60 8.65 14.29 6.70
N ARG A 61 7.34 14.53 6.64
CA ARG A 61 6.79 15.87 6.79
C ARG A 61 6.19 16.10 8.16
N GLY A 62 5.33 15.19 8.60
CA GLY A 62 4.67 15.38 9.87
C GLY A 62 3.60 16.43 9.77
N PRO A 63 2.88 16.62 10.86
CA PRO A 63 1.90 17.68 10.94
C PRO A 63 2.57 19.04 11.00
N PRO A 64 1.87 20.19 10.83
N PRO A 64 1.78 20.07 10.72
CA PRO A 64 2.61 21.47 10.49
CA PRO A 64 2.04 21.39 11.27
C PRO A 64 3.81 21.99 11.31
C PRO A 64 2.64 21.30 12.65
N HIS A 65 3.72 21.99 12.64
CA HIS A 65 4.65 22.34 13.69
C HIS A 65 5.68 21.25 13.97
N ALA A 66 5.54 20.06 13.41
CA ALA A 66 6.61 19.08 13.55
C ALA A 66 7.82 19.55 12.75
N ARG A 67 9.01 19.19 13.24
CA ARG A 67 10.24 19.40 12.48
C ARG A 67 10.95 18.04 12.40
N VAL A 68 10.60 17.27 11.38
CA VAL A 68 11.18 15.94 11.17
C VAL A 68 12.54 16.11 10.53
N GLN A 69 13.58 15.65 11.23
CA GLN A 69 14.94 15.77 10.73
C GLN A 69 15.40 14.54 9.95
N ALA A 70 14.86 13.36 10.26
CA ALA A 70 15.30 12.13 9.61
C ALA A 70 14.29 11.03 9.90
N VAL A 71 14.28 10.05 8.99
CA VAL A 71 13.49 8.82 9.17
C VAL A 71 14.39 7.66 8.77
N ASP A 72 14.78 6.83 9.76
N ASP A 72 14.65 6.77 9.71
CA ASP A 72 15.56 5.62 9.55
CA ASP A 72 15.60 5.71 9.47
C ASP A 72 14.60 4.49 9.25
C ASP A 72 14.84 4.39 9.39
N THR A 73 14.88 3.74 8.21
CA THR A 73 13.99 2.66 7.83
C THR A 73 14.67 1.30 7.84
N GLN A 74 13.89 0.30 8.24
N GLN A 74 13.89 0.28 8.21
CA GLN A 74 14.26 -1.11 8.14
CA GLN A 74 14.30 -1.12 8.16
C GLN A 74 13.03 -1.85 7.65
C GLN A 74 13.07 -1.96 7.84
N TYR A 75 13.27 -3.00 7.04
CA TYR A 75 12.19 -3.81 6.50
C TYR A 75 12.33 -5.27 6.93
N SER A 76 11.18 -5.87 7.19
CA SER A 76 11.10 -7.27 7.60
C SER A 76 9.78 -7.83 7.12
N GLU A 77 9.52 -9.10 7.43
CA GLU A 77 8.31 -9.75 6.93
C GLU A 77 7.09 -9.29 7.73
N GLU A 78 5.94 -9.26 7.05
CA GLU A 78 4.69 -8.96 7.73
C GLU A 78 4.37 -10.07 8.74
N THR A 79 3.79 -9.69 9.88
CA THR A 79 3.37 -10.66 10.87
C THR A 79 1.85 -10.82 10.92
N GLY A 80 1.12 -10.02 10.16
CA GLY A 80 -0.33 -10.11 10.16
C GLY A 80 -1.01 -9.16 11.11
N LEU A 81 -0.35 -8.09 11.52
CA LEU A 81 -0.98 -7.12 12.39
C LEU A 81 -2.27 -6.63 11.77
N ARG A 82 -3.25 -6.40 12.64
CA ARG A 82 -4.50 -5.79 12.25
CA ARG A 82 -4.54 -5.81 12.31
C ARG A 82 -4.63 -4.41 12.90
N GLU A 83 -5.35 -3.54 12.20
CA GLU A 83 -5.66 -2.20 12.66
C GLU A 83 -4.40 -1.34 12.70
N PHE A 84 -4.55 -0.08 13.04
CA PHE A 84 -3.43 0.82 13.22
C PHE A 84 -3.65 1.59 14.51
N HIS A 85 -2.77 1.41 15.49
CA HIS A 85 -2.94 1.91 16.85
C HIS A 85 -1.88 2.94 17.19
N ILE A 86 -2.14 3.73 18.23
N ILE A 86 -2.13 3.65 18.29
CA ILE A 86 -1.13 4.64 18.77
CA ILE A 86 -1.21 4.63 18.86
C ILE A 86 -0.86 4.30 20.23
C ILE A 86 -0.86 4.19 20.27
N TYR A 87 0.43 4.23 20.59
CA TYR A 87 0.88 3.90 21.94
C TYR A 87 1.91 4.92 22.44
N MET B 1 -11.35 3.86 -2.99
CA MET B 1 -10.75 4.65 -4.07
C MET B 1 -10.56 3.73 -5.27
N ARG B 2 -10.13 4.33 -6.37
CA ARG B 2 -9.70 3.57 -7.55
C ARG B 2 -8.19 3.43 -7.56
N LEU B 3 -7.72 2.19 -7.55
CA LEU B 3 -6.35 1.86 -7.86
C LEU B 3 -6.23 1.64 -9.36
N THR B 4 -5.27 2.30 -10.00
CA THR B 4 -4.83 1.96 -11.35
C THR B 4 -3.40 1.44 -11.21
N ALA B 5 -3.20 0.16 -11.51
CA ALA B 5 -1.92 -0.47 -11.35
C ALA B 5 -1.42 -0.92 -12.71
N LEU B 6 -0.15 -0.65 -12.99
CA LEU B 6 0.52 -1.11 -14.21
C LEU B 6 1.54 -2.16 -13.83
N VAL B 7 1.41 -3.36 -14.40
CA VAL B 7 2.21 -4.52 -14.02
C VAL B 7 3.19 -4.83 -15.15
N SER B 8 4.47 -4.94 -14.80
CA SER B 8 5.55 -5.20 -15.76
C SER B 8 6.22 -6.53 -15.48
N GLY B 9 6.72 -7.16 -16.54
CA GLY B 9 7.50 -8.37 -16.42
C GLY B 9 7.03 -9.42 -17.41
N HIS B 10 7.24 -10.70 -17.11
CA HIS B 10 6.73 -11.77 -17.95
C HIS B 10 5.32 -12.05 -17.47
N VAL B 11 4.36 -11.28 -18.02
CA VAL B 11 3.02 -11.21 -17.45
C VAL B 11 1.90 -11.43 -18.45
N GLN B 12 2.20 -11.37 -19.76
CA GLN B 12 1.17 -11.63 -20.76
C GLN B 12 1.25 -13.08 -21.25
N GLY B 13 0.08 -13.65 -21.58
CA GLY B 13 -0.01 -15.02 -22.05
C GLY B 13 0.17 -16.09 -20.99
N VAL B 14 0.04 -15.72 -19.71
CA VAL B 14 0.21 -16.59 -18.56
C VAL B 14 -0.99 -16.55 -17.61
N GLY B 15 -2.15 -16.12 -18.09
CA GLY B 15 -3.34 -16.18 -17.24
C GLY B 15 -3.40 -15.11 -16.18
N TYR B 16 -2.67 -14.02 -16.36
CA TYR B 16 -2.58 -12.97 -15.34
C TYR B 16 -3.93 -12.28 -15.14
N ARG B 17 -4.61 -11.93 -16.22
N ARG B 17 -4.61 -11.93 -16.23
CA ARG B 17 -5.89 -11.23 -16.05
CA ARG B 17 -5.90 -11.24 -16.11
C ARG B 17 -6.90 -12.11 -15.32
C ARG B 17 -6.92 -12.09 -15.37
N LEU B 18 -7.01 -13.38 -15.69
CA LEU B 18 -7.97 -14.25 -15.00
C LEU B 18 -7.63 -14.38 -13.51
N PHE B 19 -6.34 -14.45 -13.20
CA PHE B 19 -5.88 -14.51 -11.81
C PHE B 19 -6.28 -13.26 -11.05
N VAL B 20 -6.09 -12.08 -11.64
CA VAL B 20 -6.50 -10.84 -11.00
C VAL B 20 -8.01 -10.83 -10.77
N GLN B 21 -8.78 -11.21 -11.78
CA GLN B 21 -10.23 -11.21 -11.68
C GLN B 21 -10.70 -12.10 -10.53
N ARG B 22 -10.08 -13.27 -10.35
N ARG B 22 -10.08 -13.27 -10.35
CA ARG B 22 -10.46 -14.16 -9.27
CA ARG B 22 -10.47 -14.16 -9.26
C ARG B 22 -10.27 -13.50 -7.92
C ARG B 22 -10.27 -13.50 -7.91
N TYR B 23 -9.11 -12.90 -7.69
CA TYR B 23 -8.83 -12.30 -6.39
C TYR B 23 -9.61 -11.00 -6.19
N ALA B 24 -9.77 -10.20 -7.25
CA ALA B 24 -10.57 -8.99 -7.12
C ALA B 24 -12.01 -9.33 -6.74
N ARG B 25 -12.60 -10.34 -7.40
CA ARG B 25 -13.95 -10.77 -7.05
C ARG B 25 -14.03 -11.24 -5.60
N ASP B 26 -13.04 -12.03 -5.16
CA ASP B 26 -13.03 -12.52 -3.78
C ASP B 26 -13.00 -11.37 -2.80
N LEU B 27 -12.29 -10.29 -3.15
CA LEU B 27 -12.10 -9.13 -2.28
C LEU B 27 -13.18 -8.09 -2.43
N GLY B 28 -14.19 -8.35 -3.26
CA GLY B 28 -15.30 -7.41 -3.42
C GLY B 28 -14.99 -6.20 -4.26
N LEU B 29 -13.94 -6.24 -5.07
CA LEU B 29 -13.45 -5.09 -5.82
C LEU B 29 -14.03 -5.11 -7.23
N HIS B 30 -14.29 -3.91 -7.77
CA HIS B 30 -14.88 -3.75 -9.10
C HIS B 30 -13.89 -3.07 -10.04
N GLY B 31 -13.89 -3.47 -11.31
CA GLY B 31 -12.97 -2.88 -12.24
C GLY B 31 -12.67 -3.82 -13.39
N TYR B 32 -11.41 -3.86 -13.81
CA TYR B 32 -11.04 -4.71 -14.93
C TYR B 32 -9.53 -4.88 -15.00
N ALA B 33 -9.11 -5.88 -15.75
CA ALA B 33 -7.71 -6.07 -16.08
C ALA B 33 -7.60 -6.21 -17.60
N GLU B 34 -6.59 -5.57 -18.19
CA GLU B 34 -6.49 -5.48 -19.65
C GLU B 34 -5.02 -5.51 -20.04
N ASN B 35 -4.67 -6.27 -21.09
CA ASN B 35 -3.32 -6.21 -21.62
C ASN B 35 -3.09 -4.92 -22.41
N LEU B 36 -1.90 -4.35 -22.25
CA LEU B 36 -1.47 -3.18 -23.01
C LEU B 36 -0.49 -3.61 -24.10
N SER B 37 -0.43 -2.81 -25.17
CA SER B 37 0.41 -3.16 -26.32
C SER B 37 1.90 -2.97 -26.03
N ASP B 38 2.24 -2.25 -24.96
CA ASP B 38 3.63 -2.09 -24.53
C ASP B 38 4.10 -3.23 -23.63
N GLY B 39 3.31 -4.28 -23.47
CA GLY B 39 3.71 -5.47 -22.74
C GLY B 39 3.27 -5.52 -21.29
N LYS B 40 2.71 -4.43 -20.78
CA LYS B 40 2.25 -4.39 -19.40
C LYS B 40 0.82 -4.90 -19.30
N VAL B 41 0.36 -5.12 -18.07
CA VAL B 41 -1.04 -5.37 -17.77
C VAL B 41 -1.53 -4.23 -16.91
N GLU B 42 -2.70 -3.67 -17.24
N GLU B 42 -2.65 -3.63 -17.28
CA GLU B 42 -3.31 -2.59 -16.47
CA GLU B 42 -3.31 -2.63 -16.45
C GLU B 42 -4.49 -3.14 -15.66
C GLU B 42 -4.39 -3.28 -15.62
N VAL B 43 -4.49 -2.86 -14.36
CA VAL B 43 -5.52 -3.30 -13.45
C VAL B 43 -6.18 -2.07 -12.86
N ILE B 44 -7.48 -1.96 -13.03
CA ILE B 44 -8.32 -0.95 -12.39
C ILE B 44 -9.16 -1.66 -11.34
N ALA B 45 -9.09 -1.18 -10.10
CA ALA B 45 -9.85 -1.80 -9.02
C ALA B 45 -10.39 -0.70 -8.11
N GLU B 46 -11.68 -0.78 -7.81
CA GLU B 46 -12.36 0.20 -6.97
C GLU B 46 -12.87 -0.50 -5.72
N GLY B 47 -12.56 0.08 -4.57
CA GLY B 47 -13.02 -0.45 -3.30
C GLY B 47 -12.26 0.15 -2.13
N ASP B 48 -12.45 -0.46 -0.97
CA ASP B 48 -11.89 0.09 0.25
C ASP B 48 -10.38 -0.13 0.31
N GLU B 49 -9.70 0.71 1.11
CA GLU B 49 -8.24 0.75 1.08
C GLU B 49 -7.60 -0.58 1.53
N ASP B 50 -8.13 -1.22 2.57
N ASP B 50 -8.13 -1.22 2.57
CA ASP B 50 -7.56 -2.48 3.01
CA ASP B 50 -7.56 -2.48 3.01
C ASP B 50 -7.69 -3.56 1.94
C ASP B 50 -7.69 -3.56 1.94
N ALA B 51 -8.81 -3.56 1.21
CA ALA B 51 -9.00 -4.55 0.16
C ALA B 51 -8.07 -4.29 -1.03
N LEU B 52 -7.83 -3.01 -1.36
CA LEU B 52 -6.88 -2.68 -2.41
C LEU B 52 -5.47 -3.13 -2.00
N ASN B 53 -5.13 -2.95 -0.73
CA ASN B 53 -3.83 -3.39 -0.23
C ASN B 53 -3.67 -4.89 -0.41
N ARG B 54 -4.72 -5.66 -0.10
CA ARG B 54 -4.66 -7.11 -0.30
C ARG B 54 -4.51 -7.46 -1.77
N LEU B 55 -5.29 -6.81 -2.65
CA LEU B 55 -5.16 -7.09 -4.08
C LEU B 55 -3.72 -6.91 -4.55
N LEU B 56 -3.05 -5.85 -4.07
CA LEU B 56 -1.68 -5.59 -4.50
C LEU B 56 -0.73 -6.73 -4.15
N HIS B 57 -0.94 -7.39 -3.00
CA HIS B 57 -0.11 -8.55 -2.69
C HIS B 57 -0.24 -9.59 -3.79
N TRP B 58 -1.47 -9.85 -4.24
CA TRP B 58 -1.67 -10.81 -5.32
C TRP B 58 -1.07 -10.30 -6.62
N LEU B 59 -1.20 -9.00 -6.91
CA LEU B 59 -0.63 -8.49 -8.15
C LEU B 59 0.87 -8.70 -8.22
N ARG B 60 1.58 -8.58 -7.09
CA ARG B 60 3.03 -8.80 -7.08
C ARG B 60 3.41 -10.26 -7.13
N ARG B 61 2.51 -11.16 -6.71
CA ARG B 61 2.80 -12.59 -6.70
C ARG B 61 2.57 -13.19 -8.10
N GLY B 62 1.39 -12.97 -8.67
CA GLY B 62 1.07 -13.49 -9.99
C GLY B 62 0.69 -14.95 -9.99
N PRO B 63 0.18 -15.42 -11.13
CA PRO B 63 -0.14 -16.84 -11.31
C PRO B 63 1.12 -17.64 -11.59
N PRO B 64 1.02 -18.98 -11.59
CA PRO B 64 2.19 -19.81 -11.88
C PRO B 64 2.82 -19.43 -13.22
N HIS B 65 4.15 -19.31 -13.20
CA HIS B 65 4.98 -19.06 -14.35
C HIS B 65 5.01 -17.60 -14.78
N ALA B 66 4.22 -16.73 -14.17
CA ALA B 66 4.46 -15.31 -14.38
C ALA B 66 5.76 -14.94 -13.68
N ARG B 67 6.42 -13.89 -14.19
CA ARG B 67 7.57 -13.28 -13.50
C ARG B 67 7.25 -11.79 -13.37
N VAL B 68 6.60 -11.42 -12.28
CA VAL B 68 6.21 -10.05 -12.07
C VAL B 68 7.43 -9.28 -11.59
N GLN B 69 7.86 -8.30 -12.38
CA GLN B 69 9.04 -7.53 -12.04
C GLN B 69 8.72 -6.20 -11.37
N ALA B 70 7.53 -5.65 -11.59
CA ALA B 70 7.17 -4.35 -11.02
C ALA B 70 5.65 -4.18 -11.03
N VAL B 71 5.14 -3.47 -10.03
CA VAL B 71 3.75 -3.02 -10.01
C VAL B 71 3.80 -1.56 -9.62
N ASP B 72 3.37 -0.70 -10.52
CA ASP B 72 3.39 0.74 -10.30
C ASP B 72 1.96 1.26 -10.19
N THR B 73 1.70 2.10 -9.19
CA THR B 73 0.33 2.40 -8.78
C THR B 73 0.02 3.89 -8.84
N GLN B 74 -1.26 4.17 -9.07
CA GLN B 74 -1.84 5.51 -8.98
C GLN B 74 -3.23 5.35 -8.38
N TYR B 75 -3.69 6.39 -7.65
CA TYR B 75 -4.99 6.37 -7.01
C TYR B 75 -5.81 7.58 -7.44
N SER B 76 -7.11 7.35 -7.59
CA SER B 76 -8.06 8.38 -7.97
C SER B 76 -9.42 8.03 -7.39
N GLU B 77 -10.41 8.89 -7.64
CA GLU B 77 -11.73 8.64 -7.11
C GLU B 77 -12.42 7.48 -7.82
N GLU B 78 -13.29 6.80 -7.07
CA GLU B 78 -14.14 5.78 -7.69
C GLU B 78 -15.16 6.42 -8.61
N THR B 79 -15.47 5.73 -9.70
CA THR B 79 -16.50 6.18 -10.63
C THR B 79 -17.78 5.36 -10.54
N GLY B 80 -17.79 4.32 -9.72
CA GLY B 80 -18.96 3.47 -9.59
C GLY B 80 -19.00 2.28 -10.52
N LEU B 81 -17.84 1.80 -10.96
CA LEU B 81 -17.80 0.60 -11.80
C LEU B 81 -18.47 -0.55 -11.08
N ARG B 82 -19.09 -1.41 -11.87
CA ARG B 82 -19.69 -2.64 -11.40
C ARG B 82 -18.97 -3.81 -12.07
N GLU B 83 -18.95 -4.93 -11.36
CA GLU B 83 -18.37 -6.18 -11.82
C GLU B 83 -16.87 -6.08 -11.96
N PHE B 84 -16.24 -7.19 -12.33
CA PHE B 84 -14.81 -7.21 -12.64
C PHE B 84 -14.61 -7.97 -13.94
N HIS B 85 -14.11 -7.28 -14.96
CA HIS B 85 -14.02 -7.81 -16.31
C HIS B 85 -12.56 -7.99 -16.73
N ILE B 86 -12.35 -8.78 -17.77
N ILE B 86 -12.39 -8.77 -17.80
CA ILE B 86 -11.04 -8.85 -18.40
CA ILE B 86 -11.11 -8.94 -18.49
C ILE B 86 -11.21 -8.49 -19.87
C ILE B 86 -11.27 -8.44 -19.91
N TYR B 87 -10.32 -7.63 -20.35
CA TYR B 87 -10.35 -7.12 -21.71
C TYR B 87 -8.98 -7.34 -22.36
#